data_3QIS
#
_entry.id   3QIS
#
_cell.length_a   73.478
_cell.length_b   73.478
_cell.length_c   145.294
_cell.angle_alpha   90.000
_cell.angle_beta   90.000
_cell.angle_gamma   120.000
#
_symmetry.space_group_name_H-M   'P 31 2 1'
#
loop_
_entity.id
_entity.type
_entity.pdbx_description
1 polymer 'Inositol polyphosphate 5-phosphatase OCRL-1'
2 polymer 'Protein FAM109A'
3 water water
#
loop_
_entity_poly.entity_id
_entity_poly.type
_entity_poly.pdbx_seq_one_letter_code
_entity_poly.pdbx_strand_id
1 'polypeptide(L)'
;KVVDERRYRKVFEDSVRIMDRMENDFLPSLELSRREFVFENVKFRQLQKEKFQISNNGQVPCHFSFIPKLNDSQYCKPWL
RAEPFEGYLEPNETVDISLDVYVSKDSVTILNSGEDKIEDILVLHLDRGKDYFLTISGNYLPSCFGTSLEALCRMKRPIR
EVPVTKLIDLEEDSFLEKEKSLLQMVPLDEGASERPLQVPKEIWLLVDHLFKYACHQEDLFQTPGMQEELQQIIDCLDTS
IPETIPGSNHSVAEALLIFLEALPEPVICYELYQRCLDSAYDPRICRQVISQLPRCHRNVFRYLMAFLRELLKFSEYNSV
NANMIATLFTSLLLRPPPNLMARQTPSDRQRAIQFLLGFLLGSEED
;
A
2 'polypeptide(L)' PFARLHECYGQEI B
#
# COMPACT_ATOMS: atom_id res chain seq x y z
N PRO A 28 -40.99 10.79 -9.53
CA PRO A 28 -39.59 10.51 -9.15
C PRO A 28 -38.58 11.41 -9.86
N SER A 29 -38.16 12.49 -9.20
CA SER A 29 -37.18 13.39 -9.78
C SER A 29 -36.13 13.85 -8.78
N LEU A 30 -34.89 14.00 -9.24
CA LEU A 30 -33.84 14.50 -8.39
C LEU A 30 -33.24 15.79 -8.93
N GLU A 31 -32.82 16.65 -8.00
CA GLU A 31 -32.03 17.82 -8.32
C GLU A 31 -30.65 17.62 -7.70
N LEU A 32 -29.61 17.84 -8.49
CA LEU A 32 -28.24 17.65 -8.04
C LEU A 32 -27.51 18.98 -8.00
N SER A 33 -26.82 19.25 -6.89
CA SER A 33 -26.04 20.47 -6.78
C SER A 33 -24.98 20.54 -7.88
N ARG A 34 -24.38 19.39 -8.20
CA ARG A 34 -23.42 19.30 -9.31
C ARG A 34 -23.30 17.86 -9.81
N ARG A 35 -22.77 17.71 -11.01
CA ARG A 35 -22.67 16.40 -11.66
C ARG A 35 -21.26 16.08 -12.12
N GLU A 36 -20.36 17.06 -12.03
CA GLU A 36 -18.96 16.85 -12.41
C GLU A 36 -18.03 17.08 -11.23
N PHE A 37 -17.11 16.13 -11.00
CA PHE A 37 -16.25 16.17 -9.83
C PHE A 37 -14.81 15.93 -10.24
N VAL A 38 -13.91 16.71 -9.67
CA VAL A 38 -12.49 16.62 -10.01
C VAL A 38 -11.67 16.24 -8.80
N PHE A 39 -10.85 15.21 -8.96
CA PHE A 39 -9.97 14.75 -7.91
C PHE A 39 -8.54 15.04 -8.32
N GLU A 40 -8.04 16.20 -7.89
CA GLU A 40 -6.78 16.74 -8.37
C GLU A 40 -5.61 16.25 -7.52
N ASN A 41 -4.54 15.81 -8.19
CA ASN A 41 -3.33 15.37 -7.50
C ASN A 41 -3.58 14.24 -6.51
N VAL A 42 -4.27 13.21 -6.96
CA VAL A 42 -4.55 12.06 -6.12
C VAL A 42 -3.26 11.33 -5.76
N LYS A 43 -3.12 10.99 -4.49
CA LYS A 43 -1.92 10.31 -4.02
C LYS A 43 -2.25 9.01 -3.34
N PHE A 44 -1.27 8.10 -3.35
CA PHE A 44 -1.37 6.83 -2.64
C PHE A 44 -1.72 7.06 -1.17
N ARG A 45 -2.82 6.45 -0.72
CA ARG A 45 -3.22 6.47 0.69
C ARG A 45 -3.62 7.84 1.23
N GLN A 46 -3.95 8.78 0.34
CA GLN A 46 -4.41 10.10 0.78
C GLN A 46 -5.87 10.34 0.37
N LEU A 47 -6.74 10.40 1.38
CA LEU A 47 -8.18 10.47 1.17
C LEU A 47 -8.60 11.82 0.62
N GLN A 48 -9.47 11.78 -0.38
CA GLN A 48 -10.14 12.97 -0.88
C GLN A 48 -11.64 12.76 -0.84
N LYS A 49 -12.38 13.83 -0.60
CA LYS A 49 -13.83 13.77 -0.66
C LYS A 49 -14.41 14.92 -1.45
N GLU A 50 -15.23 14.59 -2.43
CA GLU A 50 -16.01 15.56 -3.18
C GLU A 50 -17.49 15.38 -2.87
N LYS A 51 -18.07 16.35 -2.18
CA LYS A 51 -19.45 16.23 -1.72
C LYS A 51 -20.44 16.97 -2.59
N PHE A 52 -21.64 16.42 -2.73
CA PHE A 52 -22.72 17.12 -3.39
C PHE A 52 -24.06 16.82 -2.74
N GLN A 53 -25.06 17.63 -3.06
CA GLN A 53 -26.36 17.46 -2.46
C GLN A 53 -27.39 16.98 -3.47
N ILE A 54 -28.14 15.98 -3.04
CA ILE A 54 -29.24 15.44 -3.80
C ILE A 54 -30.53 15.92 -3.16
N SER A 55 -31.45 16.41 -3.98
CA SER A 55 -32.73 16.87 -3.45
C SER A 55 -33.88 16.35 -4.30
N ASN A 56 -34.79 15.62 -3.67
CA ASN A 56 -35.97 15.12 -4.37
C ASN A 56 -36.94 16.26 -4.73
N ASN A 57 -36.85 16.74 -5.96
CA ASN A 57 -37.71 17.85 -6.40
C ASN A 57 -39.01 17.38 -7.04
N GLY A 58 -39.25 16.07 -7.02
CA GLY A 58 -40.47 15.53 -7.58
C GLY A 58 -41.64 15.74 -6.65
N GLN A 59 -42.78 15.13 -6.97
CA GLN A 59 -43.97 15.27 -6.13
C GLN A 59 -44.22 14.02 -5.30
N VAL A 60 -43.59 12.91 -5.70
CA VAL A 60 -43.68 11.65 -4.95
C VAL A 60 -42.31 11.25 -4.39
N PRO A 61 -42.29 10.40 -3.34
CA PRO A 61 -41.04 9.89 -2.77
C PRO A 61 -40.26 9.02 -3.75
N CYS A 62 -38.93 9.07 -3.69
CA CYS A 62 -38.09 8.32 -4.63
C CYS A 62 -37.03 7.48 -3.92
N HIS A 63 -36.56 6.45 -4.61
CA HIS A 63 -35.41 5.70 -4.14
C HIS A 63 -34.26 5.85 -5.11
N PHE A 64 -33.11 6.23 -4.58
CA PHE A 64 -31.93 6.41 -5.42
C PHE A 64 -30.83 5.42 -5.03
N SER A 65 -30.10 4.90 -6.01
CA SER A 65 -28.93 4.08 -5.74
C SER A 65 -27.95 4.11 -6.90
N PHE A 66 -26.67 4.00 -6.60
CA PHE A 66 -25.67 3.90 -7.65
C PHE A 66 -25.70 2.50 -8.22
N ILE A 67 -25.58 2.39 -9.54
CA ILE A 67 -25.66 1.10 -10.20
C ILE A 67 -24.49 0.83 -11.13
N PRO A 68 -24.17 -0.45 -11.35
CA PRO A 68 -23.07 -0.80 -12.25
C PRO A 68 -23.41 -0.43 -13.69
N LYS A 69 -22.42 0.06 -14.43
CA LYS A 69 -22.59 0.35 -15.85
C LYS A 69 -22.68 -0.97 -16.61
N LEU A 70 -23.44 -0.99 -17.70
CA LEU A 70 -23.78 -2.22 -18.44
C LEU A 70 -22.68 -3.30 -18.50
N ASN A 71 -22.85 -4.35 -17.67
CA ASN A 71 -21.97 -5.53 -17.63
C ASN A 71 -20.78 -5.43 -16.67
N ASP A 72 -20.93 -4.62 -15.62
CA ASP A 72 -19.92 -4.58 -14.56
C ASP A 72 -20.47 -5.18 -13.29
N SER A 73 -19.56 -5.43 -12.35
CA SER A 73 -19.92 -5.95 -11.05
C SER A 73 -20.27 -4.81 -10.09
N GLN A 74 -19.44 -3.76 -10.10
CA GLN A 74 -19.56 -2.65 -9.15
C GLN A 74 -20.03 -1.39 -9.86
N TYR A 75 -20.49 -0.37 -9.11
CA TYR A 75 -20.94 0.88 -9.73
C TYR A 75 -19.80 1.88 -9.95
N CYS A 76 -18.64 1.56 -9.40
CA CYS A 76 -17.44 2.38 -9.59
C CYS A 76 -16.18 1.52 -9.43
N LYS A 77 -15.02 2.14 -9.64
CA LYS A 77 -13.75 1.46 -9.48
C LYS A 77 -13.38 1.44 -8.01
N PRO A 78 -12.47 0.54 -7.62
CA PRO A 78 -12.05 0.29 -6.23
C PRO A 78 -11.63 1.55 -5.46
N TRP A 79 -10.92 2.47 -6.11
CA TRP A 79 -10.41 3.66 -5.43
C TRP A 79 -11.48 4.70 -5.17
N LEU A 80 -12.70 4.43 -5.61
CA LEU A 80 -13.80 5.36 -5.42
C LEU A 80 -14.90 4.71 -4.62
N ARG A 81 -15.66 5.53 -3.91
CA ARG A 81 -16.80 5.05 -3.16
C ARG A 81 -17.81 6.18 -2.97
N ALA A 82 -19.10 5.85 -2.98
CA ALA A 82 -20.15 6.82 -2.70
C ALA A 82 -20.72 6.59 -1.31
N GLU A 83 -20.87 7.66 -0.54
CA GLU A 83 -21.35 7.55 0.82
C GLU A 83 -22.38 8.64 1.12
N PRO A 84 -23.65 8.25 1.24
CA PRO A 84 -24.14 6.88 1.05
C PRO A 84 -24.27 6.55 -0.43
N PHE A 85 -24.51 5.29 -0.76
CA PHE A 85 -24.64 4.90 -2.16
C PHE A 85 -26.09 4.61 -2.54
N GLU A 86 -26.97 4.64 -1.55
CA GLU A 86 -28.39 4.42 -1.79
C GLU A 86 -29.23 5.07 -0.70
N GLY A 87 -30.45 5.46 -1.04
CA GLY A 87 -31.35 5.99 -0.02
C GLY A 87 -32.76 6.31 -0.44
N TYR A 88 -33.56 6.75 0.54
CA TYR A 88 -34.93 7.16 0.29
C TYR A 88 -35.08 8.63 0.57
N LEU A 89 -35.83 9.31 -0.30
CA LEU A 89 -36.04 10.74 -0.15
C LEU A 89 -37.50 11.09 -0.38
N GLU A 90 -38.15 11.57 0.66
CA GLU A 90 -39.47 12.14 0.55
C GLU A 90 -39.37 13.40 -0.28
N PRO A 91 -40.48 13.82 -0.90
CA PRO A 91 -40.45 15.18 -1.48
C PRO A 91 -40.63 16.19 -0.36
N ASN A 92 -39.68 17.08 -0.19
CA ASN A 92 -38.44 17.07 -0.95
C ASN A 92 -37.25 17.22 -0.01
N GLU A 93 -36.94 16.16 0.72
CA GLU A 93 -35.81 16.21 1.60
C GLU A 93 -34.54 16.12 0.78
N THR A 94 -33.43 16.55 1.38
CA THR A 94 -32.16 16.58 0.69
C THR A 94 -31.23 15.63 1.39
N VAL A 95 -30.18 15.22 0.69
CA VAL A 95 -29.19 14.34 1.27
C VAL A 95 -27.84 14.64 0.65
N ASP A 96 -26.81 14.77 1.47
CA ASP A 96 -25.46 14.99 0.95
C ASP A 96 -24.78 13.67 0.59
N ILE A 97 -24.23 13.61 -0.62
CA ILE A 97 -23.51 12.42 -1.06
C ILE A 97 -22.02 12.72 -1.07
N SER A 98 -21.24 11.84 -0.47
CA SER A 98 -19.79 12.02 -0.46
C SER A 98 -19.17 11.06 -1.48
N LEU A 99 -18.52 11.62 -2.48
CA LEU A 99 -17.74 10.83 -3.42
C LEU A 99 -16.29 10.79 -2.92
N ASP A 100 -15.89 9.61 -2.43
CA ASP A 100 -14.63 9.44 -1.74
C ASP A 100 -13.61 8.71 -2.58
N VAL A 101 -12.44 9.33 -2.76
CA VAL A 101 -11.36 8.68 -3.48
C VAL A 101 -10.28 8.27 -2.50
N TYR A 102 -9.94 6.99 -2.50
CA TYR A 102 -8.85 6.50 -1.67
C TYR A 102 -8.04 5.41 -2.37
N VAL A 103 -6.86 5.77 -2.83
CA VAL A 103 -5.98 4.82 -3.48
C VAL A 103 -5.27 3.95 -2.43
N SER A 104 -5.70 2.70 -2.32
CA SER A 104 -5.07 1.76 -1.41
C SER A 104 -4.12 0.84 -2.16
N LYS A 105 -3.56 -0.12 -1.44
CA LYS A 105 -2.63 -1.08 -2.02
C LYS A 105 -3.25 -1.90 -3.17
N ASP A 106 -4.58 -1.90 -3.27
CA ASP A 106 -5.26 -2.65 -4.33
C ASP A 106 -5.13 -1.98 -5.69
N SER A 107 -5.07 -0.64 -5.69
CA SER A 107 -5.08 0.13 -6.94
C SER A 107 -3.78 0.86 -7.25
N VAL A 108 -2.91 1.01 -6.25
CA VAL A 108 -1.73 1.87 -6.39
C VAL A 108 -0.87 1.54 -7.62
N THR A 109 -0.67 0.24 -7.89
CA THR A 109 0.19 -0.18 -8.97
C THR A 109 -0.38 0.12 -10.36
N ILE A 110 -1.67 -0.11 -10.56
CA ILE A 110 -2.27 0.18 -11.86
C ILE A 110 -2.35 1.68 -12.15
N LEU A 111 -2.50 2.48 -11.09
CA LEU A 111 -2.49 3.92 -11.22
C LEU A 111 -1.06 4.43 -11.39
N ASN A 112 -0.11 3.82 -10.68
CA ASN A 112 1.30 4.09 -10.88
C ASN A 112 1.69 3.87 -12.34
N SER A 113 1.18 2.77 -12.89
CA SER A 113 1.54 2.33 -14.22
C SER A 113 0.86 3.08 -15.34
N GLY A 114 -0.30 3.67 -15.04
CA GLY A 114 -1.11 4.32 -16.06
C GLY A 114 -2.07 3.34 -16.74
N GLU A 115 -2.13 2.11 -16.23
CA GLU A 115 -3.10 1.13 -16.70
C GLU A 115 -4.51 1.57 -16.34
N ASP A 116 -4.61 2.41 -15.30
CA ASP A 116 -5.86 3.07 -14.95
C ASP A 116 -5.62 4.56 -14.74
N LYS A 117 -6.69 5.34 -14.86
CA LYS A 117 -6.62 6.79 -14.70
C LYS A 117 -7.67 7.23 -13.71
N ILE A 118 -7.47 8.39 -13.09
CA ILE A 118 -8.49 8.92 -12.22
C ILE A 118 -9.62 9.46 -13.08
N GLU A 119 -10.44 8.56 -13.58
CA GLU A 119 -11.62 8.91 -14.36
C GLU A 119 -12.66 7.81 -14.19
N ASP A 120 -13.93 8.17 -14.36
CA ASP A 120 -15.02 7.22 -14.16
C ASP A 120 -16.37 7.87 -14.42
N ILE A 121 -17.41 7.05 -14.49
CA ILE A 121 -18.77 7.57 -14.59
C ILE A 121 -19.63 6.86 -13.56
N LEU A 122 -20.30 7.63 -12.72
CA LEU A 122 -21.21 7.06 -11.73
C LEU A 122 -22.64 7.22 -12.19
N VAL A 123 -23.37 6.12 -12.25
CA VAL A 123 -24.75 6.21 -12.65
C VAL A 123 -25.65 6.13 -11.42
N LEU A 124 -26.17 7.29 -11.04
CA LEU A 124 -27.14 7.40 -9.96
C LEU A 124 -28.51 7.07 -10.52
N HIS A 125 -29.14 6.05 -9.96
CA HIS A 125 -30.38 5.49 -10.50
C HIS A 125 -31.60 5.73 -9.58
N LEU A 126 -32.63 6.37 -10.14
CA LEU A 126 -33.92 6.48 -9.47
C LEU A 126 -34.73 5.21 -9.74
N ASP A 127 -35.09 4.49 -8.68
CA ASP A 127 -35.96 3.32 -8.82
C ASP A 127 -37.19 3.69 -9.63
N ARG A 128 -37.33 3.08 -10.80
CA ARG A 128 -38.42 3.41 -11.70
C ARG A 128 -38.32 4.87 -12.12
N GLY A 129 -37.26 5.24 -12.81
CA GLY A 129 -37.07 6.62 -13.21
C GLY A 129 -35.83 6.93 -14.04
N LYS A 130 -35.37 8.17 -13.93
CA LYS A 130 -34.22 8.67 -14.68
C LYS A 130 -32.90 8.13 -14.14
N ASP A 131 -31.88 8.16 -15.00
CA ASP A 131 -30.52 7.93 -14.56
C ASP A 131 -29.80 9.28 -14.58
N TYR A 132 -29.00 9.52 -13.54
CA TYR A 132 -28.19 10.72 -13.49
C TYR A 132 -26.74 10.33 -13.62
N PHE A 133 -26.07 10.91 -14.61
CA PHE A 133 -24.68 10.58 -14.89
C PHE A 133 -23.71 11.56 -14.26
N LEU A 134 -22.85 11.03 -13.40
CA LEU A 134 -21.85 11.84 -12.72
C LEU A 134 -20.49 11.52 -13.31
N THR A 135 -19.77 12.55 -13.74
CA THR A 135 -18.47 12.33 -14.34
C THR A 135 -17.34 12.57 -13.35
N ILE A 136 -16.45 11.58 -13.25
CA ILE A 136 -15.31 11.64 -12.35
C ILE A 136 -14.03 11.86 -13.15
N SER A 137 -13.30 12.92 -12.81
CA SER A 137 -12.04 13.17 -13.48
C SER A 137 -10.98 13.62 -12.48
N GLY A 138 -9.74 13.78 -12.96
CA GLY A 138 -8.66 14.21 -12.10
C GLY A 138 -7.32 13.67 -12.56
N ASN A 139 -6.36 13.58 -11.64
CA ASN A 139 -5.04 13.05 -11.98
C ASN A 139 -4.34 12.38 -10.80
N TYR A 140 -3.57 11.34 -11.11
CA TYR A 140 -2.89 10.55 -10.09
C TYR A 140 -1.40 10.87 -10.08
N LEU A 141 -0.80 10.93 -8.89
CA LEU A 141 0.63 11.12 -8.77
C LEU A 141 1.31 9.82 -8.35
N PRO A 142 2.13 9.24 -9.25
CA PRO A 142 2.73 7.93 -8.99
C PRO A 142 3.58 7.92 -7.73
N SER A 143 3.62 6.77 -7.06
CA SER A 143 4.41 6.64 -5.85
C SER A 143 5.44 5.54 -6.01
N CYS A 144 6.54 5.65 -5.27
CA CYS A 144 7.53 4.57 -5.23
C CYS A 144 6.93 3.39 -4.49
N PHE A 145 5.93 3.66 -3.67
CA PHE A 145 5.11 2.63 -3.05
C PHE A 145 4.18 1.99 -4.08
N GLY A 146 4.10 0.67 -4.08
CA GLY A 146 3.30 -0.05 -5.07
C GLY A 146 4.03 -0.18 -6.39
N THR A 147 5.30 0.20 -6.40
CA THR A 147 6.15 0.02 -7.58
C THR A 147 7.04 -1.21 -7.35
N SER A 148 7.33 -1.94 -8.42
CA SER A 148 8.06 -3.21 -8.27
C SER A 148 9.52 -3.00 -7.88
N LEU A 149 10.07 -3.97 -7.16
CA LEU A 149 11.45 -3.90 -6.72
C LEU A 149 12.37 -3.71 -7.93
N GLU A 150 12.05 -4.39 -9.03
CA GLU A 150 12.88 -4.35 -10.23
C GLU A 150 12.95 -2.98 -10.88
N ALA A 151 11.81 -2.32 -11.00
CA ALA A 151 11.75 -0.98 -11.56
C ALA A 151 12.42 0.05 -10.64
N LEU A 152 12.17 -0.07 -9.34
CA LEU A 152 12.80 0.81 -8.35
C LEU A 152 14.32 0.71 -8.38
N CYS A 153 14.85 -0.51 -8.53
CA CYS A 153 16.29 -0.72 -8.56
C CYS A 153 16.88 -0.15 -9.84
N ARG A 154 16.03 0.08 -10.84
CA ARG A 154 16.47 0.68 -12.09
C ARG A 154 16.34 2.20 -12.09
N MET A 155 15.68 2.76 -11.08
CA MET A 155 15.56 4.21 -11.01
C MET A 155 16.39 4.81 -9.87
N LYS A 156 17.36 5.64 -10.26
CA LYS A 156 18.34 6.22 -9.36
C LYS A 156 17.85 7.52 -8.73
N ARG A 157 16.90 8.17 -9.39
CA ARG A 157 16.30 9.37 -8.85
C ARG A 157 14.90 9.07 -8.32
N PRO A 158 14.38 9.94 -7.45
CA PRO A 158 13.01 9.79 -6.94
C PRO A 158 11.99 9.75 -8.09
N ILE A 159 10.95 8.94 -7.94
CA ILE A 159 9.96 8.76 -9.00
C ILE A 159 9.30 10.07 -9.48
N ARG A 160 9.02 11.00 -8.56
CA ARG A 160 8.39 12.27 -8.90
C ARG A 160 9.27 13.46 -8.51
N GLU A 161 10.56 13.36 -8.78
CA GLU A 161 11.51 14.39 -8.36
C GLU A 161 11.13 15.78 -8.86
N ARG A 195 24.29 -0.04 -14.22
CA ARG A 195 24.03 -1.11 -13.27
C ARG A 195 23.02 -0.71 -12.20
N PRO A 196 22.03 -1.57 -11.95
CA PRO A 196 20.92 -1.29 -11.04
C PRO A 196 21.34 -1.30 -9.58
N LEU A 197 20.58 -0.63 -8.73
CA LEU A 197 20.86 -0.63 -7.30
C LEU A 197 20.75 -2.06 -6.78
N GLN A 198 21.45 -2.35 -5.69
CA GLN A 198 21.36 -3.66 -5.05
C GLN A 198 19.99 -3.80 -4.39
N VAL A 199 19.50 -2.71 -3.81
CA VAL A 199 18.14 -2.65 -3.29
C VAL A 199 17.58 -1.27 -3.61
N PRO A 200 16.25 -1.14 -3.72
CA PRO A 200 15.67 0.18 -3.95
C PRO A 200 16.18 1.19 -2.90
N LYS A 201 16.57 2.37 -3.35
CA LYS A 201 17.04 3.41 -2.45
C LYS A 201 15.99 3.75 -1.38
N GLU A 202 14.72 3.58 -1.70
CA GLU A 202 13.64 3.93 -0.78
C GLU A 202 13.57 2.99 0.42
N ILE A 203 13.77 1.70 0.19
CA ILE A 203 13.82 0.74 1.28
C ILE A 203 15.12 0.91 2.06
N TRP A 204 16.19 1.24 1.36
CA TRP A 204 17.46 1.53 2.00
C TRP A 204 17.34 2.72 2.95
N LEU A 205 16.65 3.76 2.50
CA LEU A 205 16.46 4.98 3.28
C LEU A 205 15.66 4.74 4.55
N LEU A 206 14.60 3.95 4.44
CA LEU A 206 13.78 3.58 5.60
C LEU A 206 14.59 2.75 6.59
N VAL A 207 15.25 1.71 6.10
CA VAL A 207 16.07 0.86 6.96
C VAL A 207 17.24 1.63 7.54
N ASP A 208 17.85 2.50 6.73
CA ASP A 208 18.92 3.36 7.20
C ASP A 208 18.50 4.20 8.41
N HIS A 209 17.34 4.81 8.31
CA HIS A 209 16.79 5.61 9.40
C HIS A 209 16.60 4.77 10.68
N LEU A 210 15.92 3.65 10.54
CA LEU A 210 15.66 2.78 11.68
C LEU A 210 16.97 2.29 12.30
N PHE A 211 17.93 1.91 11.48
CA PHE A 211 19.21 1.42 11.96
C PHE A 211 19.91 2.49 12.80
N LYS A 212 19.77 3.74 12.38
CA LYS A 212 20.46 4.84 13.02
C LYS A 212 19.80 5.29 14.32
N TYR A 213 18.47 5.27 14.35
CA TYR A 213 17.73 5.90 15.43
C TYR A 213 16.87 4.97 16.27
N ALA A 214 16.55 3.79 15.74
CA ALA A 214 15.48 3.00 16.34
C ALA A 214 15.91 1.66 16.93
N CYS A 215 17.21 1.41 16.99
CA CYS A 215 17.68 0.14 17.52
C CYS A 215 17.21 -0.05 18.96
N HIS A 216 17.16 1.04 19.71
CA HIS A 216 16.72 0.99 21.10
C HIS A 216 15.30 1.52 21.29
N GLN A 217 14.55 1.61 20.19
CA GLN A 217 13.19 2.11 20.24
C GLN A 217 12.21 1.13 20.90
N GLU A 218 11.64 1.54 22.03
CA GLU A 218 10.63 0.76 22.72
C GLU A 218 9.52 0.34 21.77
N ASP A 219 9.14 -0.93 21.81
CA ASP A 219 7.97 -1.41 21.09
C ASP A 219 8.05 -1.16 19.59
N LEU A 220 9.26 -1.21 19.03
CA LEU A 220 9.43 -1.07 17.60
C LEU A 220 8.62 -2.15 16.86
N PHE A 221 7.89 -1.73 15.84
CA PHE A 221 7.08 -2.64 15.03
C PHE A 221 5.84 -3.16 15.78
N GLN A 222 5.55 -2.56 16.92
CA GLN A 222 4.38 -2.94 17.70
C GLN A 222 3.46 -1.74 17.97
N THR A 223 3.98 -0.54 17.77
CA THR A 223 3.21 0.68 17.94
C THR A 223 2.97 1.32 16.58
N PRO A 224 1.71 1.66 16.27
CA PRO A 224 1.41 2.28 14.98
C PRO A 224 1.95 3.70 14.92
N GLY A 225 2.35 4.14 13.73
CA GLY A 225 2.85 5.48 13.54
C GLY A 225 1.72 6.47 13.35
N MET A 226 2.04 7.68 12.97
CA MET A 226 1.02 8.70 12.74
C MET A 226 0.70 8.85 11.26
N GLN A 227 -0.59 8.80 10.97
CA GLN A 227 -1.10 8.84 9.60
C GLN A 227 -0.51 10.00 8.82
N GLU A 228 -0.48 11.18 9.43
CA GLU A 228 0.11 12.36 8.81
C GLU A 228 1.55 12.09 8.43
N GLU A 229 2.32 11.52 9.36
CA GLU A 229 3.73 11.26 9.15
C GLU A 229 3.97 10.21 8.06
N LEU A 230 3.12 9.19 8.03
CA LEU A 230 3.21 8.16 7.00
C LEU A 230 3.17 8.79 5.62
N GLN A 231 2.19 9.66 5.43
CA GLN A 231 2.03 10.34 4.16
C GLN A 231 3.22 11.25 3.86
N GLN A 232 3.72 11.94 4.88
CA GLN A 232 4.91 12.77 4.73
C GLN A 232 6.10 11.93 4.28
N ILE A 233 6.23 10.75 4.88
CA ILE A 233 7.31 9.83 4.55
C ILE A 233 7.18 9.36 3.10
N ILE A 234 5.98 9.00 2.68
CA ILE A 234 5.79 8.49 1.32
C ILE A 234 6.09 9.60 0.30
N ASP A 235 5.55 10.79 0.54
CA ASP A 235 5.78 11.93 -0.34
C ASP A 235 7.26 12.26 -0.37
N CYS A 236 7.89 12.19 0.79
CA CYS A 236 9.33 12.42 0.91
C CYS A 236 10.10 11.46 0.00
N LEU A 237 9.77 10.17 0.09
CA LEU A 237 10.44 9.17 -0.73
C LEU A 237 10.09 9.25 -2.22
N ASP A 238 8.89 9.74 -2.53
CA ASP A 238 8.50 9.95 -3.93
C ASP A 238 9.29 11.07 -4.60
N THR A 239 9.69 12.07 -3.81
CA THR A 239 10.19 13.32 -4.38
C THR A 239 11.63 13.66 -4.03
N SER A 240 12.23 12.92 -3.09
CA SER A 240 13.57 13.28 -2.67
C SER A 240 14.41 12.11 -2.18
N ILE A 241 15.72 12.36 -2.11
CA ILE A 241 16.66 11.49 -1.41
C ILE A 241 17.20 12.32 -0.26
N PRO A 242 16.44 12.36 0.84
CA PRO A 242 16.62 13.26 1.98
C PRO A 242 17.76 12.84 2.91
N GLU A 243 18.23 13.79 3.71
CA GLU A 243 19.28 13.55 4.68
C GLU A 243 18.68 12.88 5.91
N THR A 244 17.42 13.19 6.17
CA THR A 244 16.69 12.52 7.22
C THR A 244 15.25 12.32 6.82
N ILE A 245 14.75 11.11 7.00
CA ILE A 245 13.33 10.81 6.84
C ILE A 245 12.56 11.49 7.98
N PRO A 246 11.49 12.21 7.63
CA PRO A 246 10.70 12.87 8.67
C PRO A 246 9.87 11.87 9.49
N GLY A 247 9.44 12.26 10.68
CA GLY A 247 8.56 11.43 11.49
C GLY A 247 9.23 10.57 12.55
N SER A 248 8.42 10.11 13.50
CA SER A 248 8.88 9.24 14.57
C SER A 248 9.37 7.88 14.07
N ASN A 249 10.05 7.15 14.94
CA ASN A 249 10.52 5.81 14.62
C ASN A 249 9.36 4.88 14.29
N HIS A 250 8.27 5.03 15.02
CA HIS A 250 7.10 4.19 14.81
C HIS A 250 6.51 4.43 13.43
N SER A 251 6.55 5.68 12.99
CA SER A 251 6.04 6.02 11.66
C SER A 251 6.92 5.42 10.56
N VAL A 252 8.23 5.59 10.70
CA VAL A 252 9.16 5.05 9.72
C VAL A 252 9.05 3.52 9.68
N ALA A 253 8.90 2.89 10.84
CA ALA A 253 8.80 1.45 10.92
C ALA A 253 7.56 0.97 10.21
N GLU A 254 6.45 1.68 10.42
CA GLU A 254 5.19 1.30 9.78
C GLU A 254 5.21 1.58 8.28
N ALA A 255 5.88 2.66 7.87
CA ALA A 255 6.05 2.95 6.45
C ALA A 255 6.76 1.81 5.75
N LEU A 256 7.74 1.21 6.44
CA LEU A 256 8.46 0.07 5.91
C LEU A 256 7.51 -1.09 5.67
N LEU A 257 6.72 -1.40 6.68
CA LEU A 257 5.75 -2.48 6.58
C LEU A 257 4.78 -2.24 5.43
N ILE A 258 4.34 -0.99 5.30
CA ILE A 258 3.42 -0.61 4.25
C ILE A 258 4.08 -0.75 2.88
N PHE A 259 5.36 -0.40 2.81
CA PHE A 259 6.13 -0.53 1.58
C PHE A 259 6.15 -1.98 1.11
N LEU A 260 6.52 -2.89 2.01
CA LEU A 260 6.59 -4.31 1.71
C LEU A 260 5.24 -4.85 1.29
N GLU A 261 4.20 -4.40 1.98
CA GLU A 261 2.84 -4.86 1.72
C GLU A 261 2.30 -4.32 0.40
N ALA A 262 2.80 -3.16 -0.02
CA ALA A 262 2.34 -2.52 -1.24
C ALA A 262 3.04 -3.05 -2.50
N LEU A 263 4.10 -3.82 -2.32
CA LEU A 263 4.85 -4.32 -3.45
C LEU A 263 3.97 -5.13 -4.42
N PRO A 264 3.97 -4.77 -5.70
CA PRO A 264 3.18 -5.54 -6.67
C PRO A 264 3.66 -6.99 -6.72
N GLU A 265 4.96 -7.18 -6.56
CA GLU A 265 5.50 -8.52 -6.42
C GLU A 265 6.20 -8.60 -5.07
N PRO A 266 5.76 -9.52 -4.20
CA PRO A 266 6.32 -9.65 -2.85
C PRO A 266 7.82 -9.95 -2.90
N VAL A 267 8.50 -9.70 -1.80
CA VAL A 267 9.94 -9.95 -1.72
C VAL A 267 10.22 -11.38 -2.18
N ILE A 268 9.43 -12.32 -1.67
CA ILE A 268 9.49 -13.68 -2.18
C ILE A 268 8.42 -13.89 -3.25
N CYS A 269 8.86 -13.89 -4.51
CA CYS A 269 7.95 -14.01 -5.65
C CYS A 269 6.86 -15.06 -5.44
N TYR A 270 5.72 -14.85 -6.09
CA TYR A 270 4.54 -15.72 -5.94
C TYR A 270 4.80 -17.20 -6.26
N GLU A 271 5.51 -17.45 -7.37
CA GLU A 271 5.73 -18.82 -7.84
C GLU A 271 6.66 -19.63 -6.92
N LEU A 272 7.53 -18.94 -6.20
CA LEU A 272 8.44 -19.61 -5.26
C LEU A 272 7.75 -19.87 -3.92
N TYR A 273 6.62 -19.22 -3.73
CA TYR A 273 5.88 -19.27 -2.49
C TYR A 273 5.66 -20.71 -2.01
N GLN A 274 5.04 -21.52 -2.87
CA GLN A 274 4.70 -22.89 -2.53
C GLN A 274 5.93 -23.75 -2.26
N ARG A 275 7.00 -23.51 -3.01
CA ARG A 275 8.24 -24.26 -2.81
C ARG A 275 8.82 -23.93 -1.43
N CYS A 276 8.67 -22.67 -1.03
CA CYS A 276 9.13 -22.22 0.29
C CYS A 276 8.51 -23.03 1.42
N LEU A 277 7.19 -23.13 1.37
CA LEU A 277 6.42 -23.92 2.33
C LEU A 277 6.86 -25.39 2.38
N ASP A 278 6.98 -26.01 1.21
CA ASP A 278 7.36 -27.42 1.16
C ASP A 278 8.74 -27.60 1.78
N SER A 279 9.64 -26.69 1.44
CA SER A 279 11.02 -26.75 1.86
C SER A 279 11.22 -26.26 3.30
N ALA A 280 10.13 -25.78 3.90
CA ALA A 280 10.19 -25.06 5.18
C ALA A 280 11.07 -25.68 6.27
N TYR A 281 11.22 -27.00 6.25
CA TYR A 281 11.93 -27.68 7.34
C TYR A 281 13.38 -28.06 7.04
N ASP A 282 13.87 -27.77 5.85
CA ASP A 282 15.27 -28.02 5.54
C ASP A 282 16.02 -26.74 5.16
N PRO A 283 16.76 -26.18 6.14
CA PRO A 283 17.54 -24.93 6.01
C PRO A 283 18.41 -24.86 4.76
N ARG A 284 19.01 -25.97 4.35
CA ARG A 284 19.82 -25.98 3.14
C ARG A 284 18.93 -25.78 1.92
N ILE A 285 17.70 -26.30 2.01
CA ILE A 285 16.75 -26.23 0.91
C ILE A 285 16.02 -24.88 0.87
N CYS A 286 15.77 -24.30 2.04
CA CYS A 286 15.15 -22.98 2.08
C CYS A 286 16.05 -21.97 1.40
N ARG A 287 17.34 -22.02 1.74
CA ARG A 287 18.32 -21.08 1.21
C ARG A 287 18.40 -21.17 -0.31
N GLN A 288 18.17 -22.38 -0.82
CA GLN A 288 18.31 -22.63 -2.25
C GLN A 288 17.10 -22.10 -3.00
N VAL A 289 15.93 -22.20 -2.39
CA VAL A 289 14.73 -21.58 -2.95
C VAL A 289 14.94 -20.07 -3.08
N ILE A 290 15.60 -19.49 -2.08
CA ILE A 290 15.90 -18.06 -2.08
C ILE A 290 16.84 -17.71 -3.22
N SER A 291 17.73 -18.63 -3.56
CA SER A 291 18.69 -18.41 -4.64
C SER A 291 17.98 -18.28 -5.97
N GLN A 292 16.78 -18.86 -6.08
CA GLN A 292 16.03 -18.82 -7.34
C GLN A 292 15.41 -17.46 -7.64
N LEU A 293 15.24 -16.62 -6.62
CA LEU A 293 14.68 -15.29 -6.78
C LEU A 293 15.54 -14.44 -7.72
N PRO A 294 14.95 -13.45 -8.38
CA PRO A 294 15.71 -12.47 -9.16
C PRO A 294 16.65 -11.70 -8.23
N ARG A 295 17.74 -11.17 -8.77
CA ARG A 295 18.76 -10.54 -7.95
C ARG A 295 18.17 -9.55 -6.93
N CYS A 296 17.30 -8.64 -7.37
CA CYS A 296 16.80 -7.60 -6.46
C CYS A 296 15.92 -8.14 -5.34
N HIS A 297 15.18 -9.22 -5.61
CA HIS A 297 14.35 -9.86 -4.59
C HIS A 297 15.23 -10.58 -3.57
N ARG A 298 16.22 -11.32 -4.08
CA ARG A 298 17.18 -12.02 -3.23
C ARG A 298 17.88 -11.05 -2.30
N ASN A 299 18.29 -9.93 -2.86
CA ASN A 299 19.03 -8.92 -2.11
C ASN A 299 18.19 -8.27 -1.03
N VAL A 300 16.93 -7.94 -1.38
CA VAL A 300 16.02 -7.33 -0.42
C VAL A 300 15.71 -8.28 0.70
N PHE A 301 15.52 -9.56 0.35
CA PHE A 301 15.23 -10.55 1.37
C PHE A 301 16.39 -10.71 2.34
N ARG A 302 17.60 -10.84 1.79
CA ARG A 302 18.80 -11.01 2.61
C ARG A 302 19.05 -9.78 3.46
N TYR A 303 18.90 -8.62 2.83
CA TYR A 303 19.02 -7.33 3.48
C TYR A 303 18.12 -7.26 4.71
N LEU A 304 16.83 -7.57 4.52
CA LEU A 304 15.85 -7.48 5.60
C LEU A 304 16.11 -8.49 6.71
N MET A 305 16.44 -9.72 6.33
CA MET A 305 16.77 -10.74 7.33
C MET A 305 17.94 -10.30 8.17
N ALA A 306 18.93 -9.66 7.55
CA ALA A 306 20.10 -9.17 8.26
C ALA A 306 19.70 -8.04 9.19
N PHE A 307 18.83 -7.17 8.72
CA PHE A 307 18.34 -6.04 9.52
C PHE A 307 17.58 -6.56 10.75
N LEU A 308 16.66 -7.48 10.53
CA LEU A 308 15.86 -8.03 11.61
C LEU A 308 16.72 -8.76 12.65
N ARG A 309 17.76 -9.46 12.20
CA ARG A 309 18.69 -10.11 13.11
C ARG A 309 19.47 -9.07 13.91
N GLU A 310 19.75 -7.94 13.28
CA GLU A 310 20.42 -6.85 13.97
C GLU A 310 19.53 -6.32 15.11
N LEU A 311 18.24 -6.15 14.82
CA LEU A 311 17.29 -5.65 15.81
C LEU A 311 17.10 -6.61 16.97
N LEU A 312 17.16 -7.91 16.68
CA LEU A 312 16.99 -8.93 17.72
C LEU A 312 18.04 -8.84 18.81
N LYS A 313 19.20 -8.28 18.46
CA LYS A 313 20.30 -8.08 19.41
C LYS A 313 19.94 -7.07 20.51
N PHE A 314 19.02 -6.16 20.19
CA PHE A 314 18.60 -5.11 21.12
C PHE A 314 17.21 -5.37 21.69
N SER A 315 16.76 -6.62 21.61
CA SER A 315 15.43 -7.00 22.06
C SER A 315 15.06 -6.47 23.45
N GLU A 316 16.02 -6.46 24.36
CA GLU A 316 15.76 -6.00 25.73
C GLU A 316 15.31 -4.53 25.76
N TYR A 317 15.57 -3.80 24.68
CA TYR A 317 15.16 -2.41 24.58
C TYR A 317 13.98 -2.19 23.62
N ASN A 318 14.02 -2.84 22.46
CA ASN A 318 13.00 -2.62 21.44
C ASN A 318 11.87 -3.65 21.45
N SER A 319 11.96 -4.63 22.35
CA SER A 319 10.94 -5.67 22.49
C SER A 319 10.75 -6.52 21.25
N VAL A 320 11.64 -6.36 20.27
CA VAL A 320 11.58 -7.17 19.05
C VAL A 320 12.09 -8.58 19.30
N ASN A 321 11.17 -9.54 19.36
CA ASN A 321 11.54 -10.94 19.53
C ASN A 321 11.19 -11.76 18.30
N ALA A 322 11.69 -12.99 18.26
CA ALA A 322 11.50 -13.86 17.11
C ALA A 322 10.02 -14.15 16.85
N ASN A 323 9.26 -14.36 17.92
CA ASN A 323 7.82 -14.55 17.78
C ASN A 323 7.23 -13.44 16.93
N MET A 324 7.24 -12.22 17.48
CA MET A 324 6.68 -11.06 16.80
C MET A 324 7.17 -10.88 15.36
N ILE A 325 8.48 -10.95 15.15
CA ILE A 325 9.01 -10.82 13.79
C ILE A 325 8.42 -11.85 12.84
N ALA A 326 8.38 -13.11 13.28
CA ALA A 326 7.85 -14.18 12.47
C ALA A 326 6.44 -13.87 12.01
N THR A 327 5.56 -13.63 12.97
CA THR A 327 4.16 -13.38 12.66
C THR A 327 3.97 -12.06 11.89
N LEU A 328 4.77 -11.04 12.17
CA LEU A 328 4.64 -9.77 11.46
C LEU A 328 5.16 -9.81 10.01
N PHE A 329 6.39 -10.27 9.81
CA PHE A 329 7.02 -10.18 8.49
C PHE A 329 6.72 -11.33 7.53
N THR A 330 6.42 -12.51 8.06
CA THR A 330 6.10 -13.65 7.20
C THR A 330 5.06 -13.29 6.14
N SER A 331 3.92 -12.77 6.59
CA SER A 331 2.82 -12.47 5.67
C SER A 331 3.15 -11.34 4.71
N LEU A 332 4.15 -10.52 5.06
CA LEU A 332 4.53 -9.39 4.21
C LEU A 332 5.52 -9.82 3.14
N LEU A 333 6.48 -10.66 3.51
CA LEU A 333 7.55 -11.11 2.61
C LEU A 333 7.14 -12.32 1.78
N LEU A 334 6.16 -13.07 2.28
CA LEU A 334 5.77 -14.34 1.70
C LEU A 334 4.25 -14.41 1.53
N ARG A 335 3.74 -13.74 0.50
CA ARG A 335 2.31 -13.76 0.17
C ARG A 335 2.00 -14.85 -0.85
N PRO A 336 0.80 -15.43 -0.77
CA PRO A 336 0.23 -16.27 -1.84
C PRO A 336 -0.53 -15.39 -2.83
N PRO A 337 -0.64 -15.84 -4.09
CA PRO A 337 -1.26 -15.07 -5.18
C PRO A 337 -2.44 -14.21 -4.74
N PRO A 346 -3.90 -21.10 7.46
CA PRO A 346 -4.03 -22.52 7.80
C PRO A 346 -2.82 -23.04 8.58
N SER A 347 -2.31 -24.21 8.21
CA SER A 347 -1.08 -24.72 8.79
C SER A 347 0.07 -24.49 7.82
N ASP A 348 -0.25 -23.91 6.66
CA ASP A 348 0.75 -23.37 5.77
C ASP A 348 1.32 -22.11 6.43
N ARG A 349 0.45 -21.43 7.18
CA ARG A 349 0.85 -20.34 8.05
C ARG A 349 2.00 -20.78 8.95
N GLN A 350 1.97 -22.03 9.39
CA GLN A 350 3.00 -22.58 10.27
C GLN A 350 4.32 -22.87 9.55
N ARG A 351 4.23 -23.41 8.34
CA ARG A 351 5.44 -23.71 7.56
C ARG A 351 6.06 -22.39 7.10
N ALA A 352 5.21 -21.38 6.89
CA ALA A 352 5.67 -20.05 6.52
C ALA A 352 6.53 -19.45 7.63
N ILE A 353 5.94 -19.28 8.83
CA ILE A 353 6.70 -18.77 9.97
C ILE A 353 7.96 -19.62 10.18
N GLN A 354 7.81 -20.94 10.04
CA GLN A 354 8.97 -21.83 10.13
C GLN A 354 10.03 -21.45 9.09
N PHE A 355 9.58 -21.16 7.87
CA PHE A 355 10.47 -20.79 6.78
C PHE A 355 11.28 -19.57 7.19
N LEU A 356 10.57 -18.56 7.67
CA LEU A 356 11.20 -17.31 8.04
C LEU A 356 12.12 -17.49 9.25
N LEU A 357 11.63 -18.20 10.26
CA LEU A 357 12.38 -18.41 11.48
C LEU A 357 13.72 -19.04 11.16
N GLY A 358 13.71 -19.95 10.19
CA GLY A 358 14.93 -20.59 9.75
C GLY A 358 16.04 -19.59 9.47
N PHE A 359 15.65 -18.44 8.90
CA PHE A 359 16.62 -17.42 8.52
C PHE A 359 17.01 -16.51 9.68
N LEU A 360 16.06 -16.24 10.57
CA LEU A 360 16.32 -15.33 11.69
C LEU A 360 17.27 -15.93 12.71
N LEU A 361 17.20 -17.24 12.89
CA LEU A 361 17.91 -17.91 13.98
C LEU A 361 19.09 -18.77 13.50
N PRO B 1 27.26 -7.93 11.70
CA PRO B 1 27.77 -7.57 10.38
C PRO B 1 26.71 -6.91 9.48
N PHE B 2 25.60 -6.44 10.06
CA PHE B 2 24.60 -5.75 9.25
C PHE B 2 25.13 -4.45 8.63
N ALA B 3 25.95 -3.71 9.39
CA ALA B 3 26.40 -2.39 8.97
C ALA B 3 27.25 -2.44 7.70
N ARG B 4 28.00 -3.52 7.52
CA ARG B 4 28.80 -3.70 6.31
C ARG B 4 27.92 -3.83 5.07
N LEU B 5 26.97 -4.76 5.13
CA LEU B 5 26.00 -4.98 4.06
C LEU B 5 25.21 -3.72 3.72
N HIS B 6 24.73 -3.05 4.75
CA HIS B 6 23.92 -1.85 4.60
C HIS B 6 24.71 -0.73 3.91
N GLU B 7 25.97 -0.59 4.31
CA GLU B 7 26.87 0.40 3.73
C GLU B 7 27.06 0.14 2.24
N CYS B 8 27.37 -1.10 1.89
CA CYS B 8 27.51 -1.52 0.50
C CYS B 8 26.25 -1.24 -0.32
N TYR B 9 25.09 -1.58 0.22
CA TYR B 9 23.82 -1.41 -0.49
C TYR B 9 23.43 0.06 -0.62
N GLY B 10 24.04 0.90 0.20
CA GLY B 10 23.78 2.32 0.14
C GLY B 10 24.65 2.98 -0.94
N GLN B 11 25.48 2.19 -1.60
CA GLN B 11 26.27 2.69 -2.70
C GLN B 11 25.36 3.27 -3.79
N GLU B 12 25.70 4.48 -4.23
CA GLU B 12 24.95 5.19 -5.27
C GLU B 12 23.73 5.93 -4.74
N ILE B 13 23.65 6.11 -3.43
CA ILE B 13 22.48 6.78 -2.82
C ILE B 13 22.81 8.12 -2.17
#